data_6B94
#
_entry.id   6B94
#
_cell.length_a   43.230
_cell.length_b   58.320
_cell.length_c   111.500
_cell.angle_alpha   90.00
_cell.angle_beta   90.00
_cell.angle_gamma   90.00
#
_symmetry.space_group_name_H-M   'P 21 21 21'
#
loop_
_entity.id
_entity.type
_entity.pdbx_description
1 polymer Galectin-1
2 branched beta-D-galactopyranose-(1-4)-beta-D-fructofuranose
3 non-polymer BETA-MERCAPTOETHANOL
4 non-polymer 'ACETATE ION'
5 water water
#
_entity_poly.entity_id   1
_entity_poly.type   'polypeptide(L)'
_entity_poly.pdbx_seq_one_letter_code
;ACGLVASNLNLKPGECLRVRGEVAPDAKSFVLNLGKDSNNLCLHFNPRFNAHGDANTIVCNSKDGGAWGTEQREAVFPFQ
PGSVAEVCITFDQANLTVKLPDGYEFKFPNRLNLEAINYMAADGDFKIKCVAFD
;
_entity_poly.pdbx_strand_id   A,B
#
# COMPACT_ATOMS: atom_id res chain seq x y z
N ALA A 1 -12.94 -2.15 21.70
CA ALA A 1 -14.42 -1.92 21.51
C ALA A 1 -15.25 -3.17 21.80
N CYS A 2 -14.72 -4.33 21.41
CA CYS A 2 -15.22 -5.64 21.86
C CYS A 2 -14.13 -6.44 22.58
N GLY A 3 -12.88 -6.34 22.13
CA GLY A 3 -11.80 -7.13 22.67
C GLY A 3 -11.04 -6.44 23.78
N LEU A 4 -9.88 -7.00 24.09
CA LEU A 4 -9.02 -6.52 25.15
C LEU A 4 -8.71 -5.03 24.98
N VAL A 5 -8.77 -4.29 26.08
CA VAL A 5 -8.28 -2.93 26.14
C VAL A 5 -7.26 -2.84 27.27
N ALA A 6 -6.07 -2.31 26.95
CA ALA A 6 -5.04 -2.11 27.96
C ALA A 6 -4.57 -0.66 27.99
N SER A 7 -4.37 -0.11 29.18
CA SER A 7 -3.90 1.26 29.37
C SER A 7 -2.70 1.28 30.33
N ASN A 8 -2.02 2.43 30.40
CA ASN A 8 -0.74 2.58 31.13
C ASN A 8 0.38 1.68 30.61
N LEU A 9 0.39 1.41 29.32
CA LEU A 9 1.43 0.56 28.74
C LEU A 9 2.83 1.13 28.89
N ASN A 10 2.96 2.44 28.78
CA ASN A 10 4.26 3.12 28.82
C ASN A 10 5.32 2.46 27.91
N LEU A 11 4.90 2.05 26.70
CA LEU A 11 5.84 1.46 25.73
C LEU A 11 6.66 2.60 25.15
N LYS A 12 7.96 2.56 25.40
CA LYS A 12 8.86 3.64 25.00
C LYS A 12 9.43 3.35 23.61
N PRO A 13 10.01 4.38 22.93
CA PRO A 13 10.64 4.13 21.63
C PRO A 13 11.60 2.95 21.64
N GLY A 14 11.57 2.12 20.61
CA GLY A 14 12.43 0.94 20.53
C GLY A 14 12.00 -0.27 21.33
N GLU A 15 11.00 -0.16 22.20
CA GLU A 15 10.53 -1.29 22.98
C GLU A 15 9.50 -2.06 22.15
N CYS A 16 9.46 -3.38 22.33
CA CYS A 16 8.65 -4.25 21.46
C CYS A 16 7.31 -4.66 22.11
N LEU A 17 6.20 -4.40 21.43
CA LEU A 17 4.89 -4.94 21.84
C LEU A 17 4.63 -6.15 20.97
N ARG A 18 4.42 -7.31 21.60
CA ARG A 18 4.14 -8.57 20.90
CA ARG A 18 4.11 -8.55 20.89
C ARG A 18 2.72 -9.03 21.26
N VAL A 19 1.90 -9.30 20.24
CA VAL A 19 0.52 -9.72 20.44
C VAL A 19 0.26 -10.97 19.62
N ARG A 20 -0.19 -12.04 20.28
CA ARG A 20 -0.54 -13.25 19.60
C ARG A 20 -2.03 -13.54 19.83
N GLY A 21 -2.70 -13.90 18.74
CA GLY A 21 -4.12 -14.23 18.81
C GLY A 21 -4.55 -15.26 17.78
N GLU A 22 -5.79 -15.71 17.92
CA GLU A 22 -6.40 -16.66 17.01
C GLU A 22 -7.28 -15.90 16.03
N VAL A 23 -7.02 -16.03 14.74
CA VAL A 23 -7.90 -15.42 13.71
C VAL A 23 -9.09 -16.38 13.52
N ALA A 24 -10.31 -15.85 13.63
CA ALA A 24 -11.50 -16.71 13.55
C ALA A 24 -11.55 -17.42 12.18
N PRO A 25 -12.10 -18.64 12.13
CA PRO A 25 -12.20 -19.37 10.86
C PRO A 25 -12.97 -18.63 9.80
N ASP A 26 -13.99 -17.85 10.19
CA ASP A 26 -14.77 -17.06 9.24
C ASP A 26 -14.53 -15.56 9.38
N ALA A 27 -13.30 -15.21 9.78
CA ALA A 27 -12.96 -13.83 10.09
C ALA A 27 -13.24 -12.91 8.90
N LYS A 28 -13.83 -11.76 9.20
CA LYS A 28 -14.05 -10.70 8.24
C LYS A 28 -13.02 -9.58 8.43
N SER A 29 -12.73 -9.20 9.67
CA SER A 29 -11.75 -8.15 9.96
CA SER A 29 -11.83 -8.07 9.98
C SER A 29 -11.36 -8.18 11.42
N PHE A 30 -10.16 -7.68 11.71
CA PHE A 30 -9.79 -7.38 13.09
C PHE A 30 -9.00 -6.10 13.15
N VAL A 31 -8.88 -5.54 14.34
CA VAL A 31 -8.26 -4.24 14.57
C VAL A 31 -7.37 -4.32 15.78
N LEU A 32 -6.16 -3.76 15.66
CA LEU A 32 -5.38 -3.39 16.83
C LEU A 32 -5.14 -1.88 16.74
N ASN A 33 -5.52 -1.19 17.81
CA ASN A 33 -5.41 0.27 17.92
C ASN A 33 -4.38 0.57 18.98
N LEU A 34 -3.42 1.40 18.63
CA LEU A 34 -2.37 1.78 19.55
C LEU A 34 -2.22 3.27 19.61
N GLY A 35 -2.04 3.79 20.81
CA GLY A 35 -1.75 5.22 20.98
C GLY A 35 -1.86 5.68 22.40
N LYS A 36 -2.58 6.77 22.57
CA LYS A 36 -2.77 7.44 23.87
C LYS A 36 -4.10 7.06 24.48
N ASP A 37 -5.13 7.13 23.66
CA ASP A 37 -6.49 6.81 24.05
C ASP A 37 -7.30 6.58 22.77
N SER A 38 -8.59 6.30 22.91
CA SER A 38 -9.43 5.98 21.77
C SER A 38 -9.55 7.09 20.71
N ASN A 39 -9.25 8.34 21.07
CA ASN A 39 -9.29 9.47 20.14
C ASN A 39 -7.96 9.81 19.50
N ASN A 40 -6.89 9.16 19.96
CA ASN A 40 -5.52 9.53 19.61
C ASN A 40 -4.72 8.24 19.40
N LEU A 41 -4.69 7.80 18.14
CA LEU A 41 -4.07 6.53 17.75
C LEU A 41 -2.90 6.80 16.80
N CYS A 42 -1.70 6.45 17.23
CA CYS A 42 -0.57 6.51 16.30
C CYS A 42 -0.61 5.35 15.31
N LEU A 43 -1.32 4.26 15.64
CA LEU A 43 -1.61 3.20 14.67
C LEU A 43 -2.95 2.52 14.88
N HIS A 44 -3.79 2.58 13.85
CA HIS A 44 -4.95 1.76 13.65
C HIS A 44 -4.52 0.72 12.62
N PHE A 45 -4.46 -0.54 13.03
CA PHE A 45 -3.96 -1.66 12.20
C PHE A 45 -5.13 -2.57 11.97
N ASN A 46 -5.60 -2.64 10.72
CA ASN A 46 -6.87 -3.24 10.39
C ASN A 46 -6.77 -4.19 9.18
N PRO A 47 -6.37 -5.45 9.43
CA PRO A 47 -6.49 -6.48 8.41
C PRO A 47 -7.95 -6.76 8.08
N ARG A 48 -8.31 -6.56 6.82
CA ARG A 48 -9.67 -6.76 6.34
C ARG A 48 -9.67 -7.98 5.42
N PHE A 49 -10.25 -9.06 5.91
CA PHE A 49 -10.41 -10.28 5.13
C PHE A 49 -11.57 -10.09 4.16
N ASN A 50 -12.71 -9.64 4.69
CA ASN A 50 -13.92 -9.33 3.90
C ASN A 50 -14.75 -8.26 4.60
N ALA A 51 -14.40 -6.99 4.38
CA ALA A 51 -15.04 -5.88 5.08
C ALA A 51 -14.82 -4.52 4.37
N HIS A 52 -15.86 -3.69 4.35
CA HIS A 52 -15.86 -2.36 3.69
C HIS A 52 -15.43 -2.42 2.23
N GLY A 53 -15.99 -3.40 1.52
CA GLY A 53 -15.66 -3.66 0.13
C GLY A 53 -14.22 -4.10 -0.15
N ASP A 54 -13.48 -4.46 0.91
CA ASP A 54 -12.08 -4.86 0.78
C ASP A 54 -11.93 -6.34 1.07
N ALA A 55 -10.90 -6.90 0.47
CA ALA A 55 -10.64 -8.32 0.52
C ALA A 55 -9.16 -8.51 0.75
N ASN A 56 -8.82 -9.30 1.77
CA ASN A 56 -7.42 -9.60 2.11
C ASN A 56 -6.46 -8.42 1.92
N THR A 57 -6.79 -7.33 2.60
CA THR A 57 -6.06 -6.08 2.54
C THR A 57 -5.80 -5.55 3.96
N ILE A 58 -4.56 -5.23 4.29
CA ILE A 58 -4.25 -4.54 5.55
C ILE A 58 -4.43 -3.04 5.38
N VAL A 59 -5.39 -2.46 6.11
CA VAL A 59 -5.61 -1.01 6.12
C VAL A 59 -4.99 -0.41 7.39
N CYS A 60 -4.20 0.65 7.23
CA CYS A 60 -3.62 1.36 8.38
C CYS A 60 -4.07 2.81 8.34
N ASN A 61 -4.22 3.40 9.53
CA ASN A 61 -4.42 4.85 9.64
C ASN A 61 -3.99 5.34 11.02
N SER A 62 -4.01 6.66 11.18
CA SER A 62 -3.82 7.33 12.45
C SER A 62 -5.14 7.99 12.80
N LYS A 63 -5.27 8.40 14.06
CA LYS A 63 -6.42 9.21 14.48
C LYS A 63 -5.86 10.24 15.42
N ASP A 64 -6.12 11.52 15.15
CA ASP A 64 -5.52 12.58 15.93
C ASP A 64 -6.65 13.49 16.39
N GLY A 65 -6.88 13.55 17.69
CA GLY A 65 -7.99 14.32 18.24
C GLY A 65 -9.34 13.97 17.65
N GLY A 66 -9.59 12.67 17.49
CA GLY A 66 -10.82 12.15 16.93
C GLY A 66 -10.90 12.05 15.41
N ALA A 67 -9.93 12.65 14.71
CA ALA A 67 -9.92 12.73 13.25
C ALA A 67 -9.03 11.65 12.62
N TRP A 68 -9.64 10.79 11.81
CA TRP A 68 -8.87 9.84 10.98
C TRP A 68 -7.91 10.57 10.04
N GLY A 69 -6.69 10.08 9.96
CA GLY A 69 -5.71 10.57 9.02
C GLY A 69 -5.91 10.01 7.63
N THR A 70 -4.83 10.04 6.85
CA THR A 70 -4.81 9.50 5.50
C THR A 70 -4.50 8.01 5.57
N GLU A 71 -5.42 7.19 5.08
CA GLU A 71 -5.23 5.74 5.02
C GLU A 71 -4.01 5.34 4.22
N GLN A 72 -3.41 4.22 4.62
CA GLN A 72 -2.41 3.56 3.82
C GLN A 72 -2.75 2.07 3.78
N ARG A 73 -2.45 1.43 2.65
CA ARG A 73 -2.71 -0.01 2.49
C ARG A 73 -1.44 -0.70 2.06
N GLU A 74 -1.27 -1.94 2.52
CA GLU A 74 -0.14 -2.79 2.12
C GLU A 74 -0.61 -3.71 1.00
N ALA A 75 0.35 -4.21 0.25
CA ALA A 75 0.07 -5.10 -0.88
C ALA A 75 -0.09 -6.54 -0.41
N VAL A 76 0.65 -6.89 0.64
CA VAL A 76 0.69 -8.26 1.21
C VAL A 76 -0.31 -8.50 2.33
N PHE A 77 -0.66 -9.75 2.52
CA PHE A 77 -1.63 -10.13 3.54
C PHE A 77 -1.24 -11.50 4.13
N PRO A 78 -0.31 -11.51 5.09
CA PRO A 78 0.16 -12.79 5.66
C PRO A 78 -0.67 -13.21 6.88
N PHE A 79 -1.97 -13.29 6.69
CA PHE A 79 -2.91 -13.75 7.71
C PHE A 79 -3.81 -14.77 7.06
N GLN A 80 -4.13 -15.84 7.78
CA GLN A 80 -5.04 -16.87 7.28
C GLN A 80 -6.20 -17.04 8.27
N PRO A 81 -7.45 -17.01 7.79
CA PRO A 81 -8.52 -17.32 8.73
C PRO A 81 -8.34 -18.71 9.35
N GLY A 82 -8.61 -18.81 10.65
CA GLY A 82 -8.55 -20.08 11.34
C GLY A 82 -7.18 -20.48 11.85
N SER A 83 -6.22 -19.55 11.86
CA SER A 83 -4.88 -19.85 12.36
C SER A 83 -4.48 -18.84 13.41
N VAL A 84 -3.34 -19.09 14.04
CA VAL A 84 -2.79 -18.18 15.05
C VAL A 84 -1.85 -17.22 14.34
N ALA A 85 -1.88 -15.95 14.71
CA ALA A 85 -0.98 -14.96 14.13
C ALA A 85 -0.35 -14.14 15.24
N GLU A 86 0.94 -13.80 15.07
CA GLU A 86 1.66 -12.90 15.98
C GLU A 86 2.02 -11.61 15.23
N VAL A 87 1.85 -10.48 15.92
CA VAL A 87 2.16 -9.16 15.39
C VAL A 87 3.11 -8.57 16.41
N CYS A 88 4.18 -7.94 15.92
CA CYS A 88 5.18 -7.32 16.77
C CYS A 88 5.37 -5.87 16.31
N ILE A 89 5.26 -4.94 17.26
CA ILE A 89 5.23 -3.52 16.94
C ILE A 89 6.24 -2.76 17.80
N THR A 90 6.95 -1.84 17.15
CA THR A 90 7.84 -0.91 17.81
C THR A 90 7.69 0.43 17.11
N PHE A 91 8.24 1.48 17.71
CA PHE A 91 8.23 2.79 17.08
C PHE A 91 9.46 3.59 17.42
N ASP A 92 9.74 4.55 16.55
CA ASP A 92 10.68 5.66 16.85
C ASP A 92 9.99 6.97 16.47
N GLN A 93 10.73 8.07 16.52
CA GLN A 93 10.15 9.36 16.16
C GLN A 93 9.53 9.40 14.74
N ALA A 94 10.14 8.71 13.77
CA ALA A 94 9.72 8.78 12.36
C ALA A 94 8.60 7.80 11.97
N ASN A 95 8.69 6.55 12.46
CA ASN A 95 7.80 5.47 12.02
C ASN A 95 7.46 4.48 13.13
N LEU A 96 6.30 3.85 12.98
CA LEU A 96 6.04 2.57 13.63
C LEU A 96 6.57 1.49 12.71
N THR A 97 7.14 0.44 13.28
CA THR A 97 7.54 -0.71 12.52
C THR A 97 6.69 -1.89 12.96
N VAL A 98 5.96 -2.48 12.01
CA VAL A 98 5.07 -3.60 12.27
C VAL A 98 5.65 -4.85 11.61
N LYS A 99 6.01 -5.83 12.42
CA LYS A 99 6.46 -7.13 11.91
C LYS A 99 5.33 -8.13 12.02
N LEU A 100 5.08 -8.83 10.92
CA LEU A 100 3.95 -9.74 10.76
C LEU A 100 4.45 -11.17 10.59
N PRO A 101 3.52 -12.13 10.44
CA PRO A 101 4.01 -13.48 10.08
C PRO A 101 4.62 -13.52 8.68
N ASP A 102 5.19 -14.67 8.35
CA ASP A 102 5.85 -14.90 7.07
C ASP A 102 6.94 -13.87 6.76
N GLY A 103 7.60 -13.36 7.80
CA GLY A 103 8.71 -12.43 7.66
C GLY A 103 8.40 -11.02 7.19
N TYR A 104 7.11 -10.69 6.99
CA TYR A 104 6.77 -9.42 6.37
C TYR A 104 6.86 -8.34 7.42
N GLU A 105 7.42 -7.21 7.00
CA GLU A 105 7.59 -6.07 7.86
C GLU A 105 7.24 -4.82 7.06
N PHE A 106 6.56 -3.88 7.71
CA PHE A 106 6.36 -2.59 7.08
C PHE A 106 6.41 -1.46 8.09
N LYS A 107 6.51 -0.25 7.55
CA LYS A 107 6.58 0.95 8.37
C LYS A 107 5.34 1.81 8.10
N PHE A 108 4.86 2.46 9.14
CA PHE A 108 3.75 3.40 9.03
C PHE A 108 4.21 4.69 9.71
N PRO A 109 4.04 5.85 9.04
CA PRO A 109 4.58 7.06 9.64
C PRO A 109 3.99 7.36 11.02
N ASN A 110 4.84 7.81 11.92
CA ASN A 110 4.42 8.24 13.24
C ASN A 110 3.96 9.69 13.08
N ARG A 111 2.66 9.89 13.09
CA ARG A 111 2.05 11.21 12.85
C ARG A 111 1.68 11.99 14.11
N LEU A 112 1.75 11.33 15.26
CA LEU A 112 1.30 11.89 16.54
C LEU A 112 2.43 12.37 17.45
N ASN A 113 3.65 11.87 17.27
CA ASN A 113 4.78 12.30 18.11
C ASN A 113 4.54 12.09 19.64
N LEU A 114 3.89 10.97 20.01
CA LEU A 114 3.68 10.64 21.43
C LEU A 114 4.98 10.20 22.09
N GLU A 115 5.11 10.48 23.37
CA GLU A 115 6.28 10.09 24.14
C GLU A 115 6.35 8.57 24.34
N ALA A 116 5.19 7.95 24.54
CA ALA A 116 5.06 6.50 24.67
C ALA A 116 3.75 6.03 24.07
N ILE A 117 3.62 4.73 23.85
CA ILE A 117 2.30 4.13 23.53
C ILE A 117 1.76 3.67 24.87
N ASN A 118 0.66 4.28 25.30
CA ASN A 118 0.03 3.95 26.58
C ASN A 118 -1.27 3.17 26.50
N TYR A 119 -1.80 3.01 25.29
CA TYR A 119 -3.13 2.46 25.09
C TYR A 119 -3.11 1.48 23.92
N MET A 120 -3.70 0.31 24.12
CA MET A 120 -3.94 -0.62 23.05
C MET A 120 -5.35 -1.15 23.19
N ALA A 121 -6.04 -1.30 22.07
CA ALA A 121 -7.38 -1.87 22.07
C ALA A 121 -7.53 -2.80 20.89
N ALA A 122 -8.11 -3.96 21.12
CA ALA A 122 -8.30 -4.94 20.07
C ALA A 122 -9.79 -5.04 19.79
N ASP A 123 -10.12 -5.34 18.55
CA ASP A 123 -11.50 -5.51 18.16
C ASP A 123 -11.60 -6.50 16.99
N GLY A 124 -12.79 -7.06 16.81
CA GLY A 124 -13.05 -7.92 15.66
C GLY A 124 -12.65 -9.37 15.87
N ASP A 125 -12.35 -10.04 14.76
CA ASP A 125 -12.32 -11.50 14.69
C ASP A 125 -10.94 -12.06 14.99
N PHE A 126 -10.41 -11.67 16.15
CA PHE A 126 -9.04 -11.97 16.57
C PHE A 126 -9.03 -12.11 18.09
N LYS A 127 -8.89 -13.34 18.58
CA LYS A 127 -8.98 -13.67 20.01
C LYS A 127 -7.56 -13.63 20.59
N ILE A 128 -7.26 -12.59 21.36
CA ILE A 128 -5.92 -12.40 21.92
C ILE A 128 -5.60 -13.48 22.97
N LYS A 129 -4.46 -14.14 22.78
CA LYS A 129 -3.99 -15.20 23.65
C LYS A 129 -2.80 -14.79 24.53
N CYS A 130 -1.97 -13.87 24.05
CA CYS A 130 -0.71 -13.51 24.71
C CYS A 130 -0.38 -12.06 24.36
N VAL A 131 -0.02 -11.24 25.34
CA VAL A 131 0.56 -9.92 25.06
C VAL A 131 1.83 -9.75 25.87
N ALA A 132 2.92 -9.30 25.23
CA ALA A 132 4.19 -9.13 25.93
C ALA A 132 4.87 -7.80 25.62
N PHE A 133 5.72 -7.37 26.56
CA PHE A 133 6.57 -6.15 26.48
C PHE A 133 8.07 -6.45 26.67
N ASP A 134 8.91 -5.55 26.20
CA ASP A 134 10.37 -5.61 26.43
C ASP A 134 11.06 -4.46 25.68
N ALA B 1 1.95 14.31 -17.23
CA ALA B 1 1.75 15.78 -17.39
C ALA B 1 3.09 16.55 -17.46
N CYS B 2 4.02 16.01 -18.24
CA CYS B 2 5.40 16.54 -18.37
C CYS B 2 6.18 15.69 -19.37
N GLY B 3 6.16 14.37 -19.16
CA GLY B 3 6.62 13.41 -20.13
C GLY B 3 5.54 13.10 -21.16
N LEU B 4 5.77 12.00 -21.87
CA LEU B 4 4.93 11.54 -22.96
C LEU B 4 3.49 11.34 -22.48
N VAL B 5 2.54 11.82 -23.26
CA VAL B 5 1.11 11.57 -23.01
C VAL B 5 0.54 10.96 -24.27
N ALA B 6 -0.16 9.84 -24.14
CA ALA B 6 -0.73 9.12 -25.28
C ALA B 6 -2.19 8.87 -24.99
N SER B 7 -3.03 9.10 -25.98
CA SER B 7 -4.48 8.85 -25.83
C SER B 7 -4.99 8.05 -27.02
N ASN B 8 -6.23 7.59 -26.95
CA ASN B 8 -6.77 6.59 -27.90
C ASN B 8 -5.98 5.27 -27.99
N LEU B 9 -5.44 4.79 -26.88
CA LEU B 9 -4.64 3.56 -26.88
C LEU B 9 -5.46 2.30 -27.18
N ASN B 10 -6.71 2.30 -26.75
CA ASN B 10 -7.64 1.19 -26.96
C ASN B 10 -7.12 -0.17 -26.47
N LEU B 11 -6.42 -0.19 -25.33
CA LEU B 11 -5.88 -1.42 -24.78
C LEU B 11 -7.01 -2.15 -24.08
N LYS B 12 -7.26 -3.38 -24.50
CA LYS B 12 -8.39 -4.13 -23.97
CA LYS B 12 -8.39 -4.17 -24.01
C LYS B 12 -7.93 -5.15 -22.93
N PRO B 13 -8.90 -5.76 -22.19
CA PRO B 13 -8.48 -6.69 -21.16
C PRO B 13 -7.62 -7.81 -21.70
N GLY B 14 -6.54 -8.09 -20.99
CA GLY B 14 -5.64 -9.18 -21.35
C GLY B 14 -4.54 -8.79 -22.30
N GLU B 15 -4.67 -7.66 -23.00
CA GLU B 15 -3.65 -7.22 -23.94
C GLU B 15 -2.49 -6.64 -23.17
N CYS B 16 -1.30 -6.68 -23.76
CA CYS B 16 -0.08 -6.29 -23.05
C CYS B 16 0.43 -4.95 -23.59
N LEU B 17 0.58 -3.98 -22.68
CA LEU B 17 1.23 -2.70 -22.98
C LEU B 17 2.65 -2.78 -22.46
N ARG B 18 3.63 -2.69 -23.37
CA ARG B 18 5.07 -2.73 -23.04
CA ARG B 18 5.04 -2.72 -22.98
C ARG B 18 5.61 -1.31 -23.10
N VAL B 19 6.26 -0.86 -22.03
CA VAL B 19 6.86 0.48 -22.00
C VAL B 19 8.30 0.35 -21.54
N ARG B 20 9.21 0.95 -22.31
CA ARG B 20 10.62 1.07 -21.91
CA ARG B 20 10.62 1.07 -21.93
C ARG B 20 10.99 2.54 -21.85
N GLY B 21 11.73 2.91 -20.82
CA GLY B 21 12.18 4.28 -20.65
C GLY B 21 13.45 4.39 -19.82
N GLU B 22 13.97 5.61 -19.74
CA GLU B 22 15.20 5.90 -18.99
C GLU B 22 14.82 6.59 -17.70
N VAL B 23 15.26 6.03 -16.57
CA VAL B 23 15.05 6.65 -15.26
C VAL B 23 16.20 7.66 -15.13
N ALA B 24 15.88 8.90 -14.78
CA ALA B 24 16.89 9.95 -14.78
C ALA B 24 18.01 9.65 -13.78
N PRO B 25 19.26 10.09 -14.07
CA PRO B 25 20.39 9.89 -13.15
C PRO B 25 20.16 10.43 -11.73
N ASP B 26 19.40 11.52 -11.62
CA ASP B 26 19.11 12.16 -10.32
C ASP B 26 17.71 11.80 -9.76
N ALA B 27 17.19 10.63 -10.13
CA ALA B 27 15.76 10.33 -9.95
C ALA B 27 15.34 10.39 -8.51
N LYS B 28 14.35 11.23 -8.22
CA LYS B 28 13.67 11.23 -6.93
C LYS B 28 12.36 10.45 -7.01
N SER B 29 11.64 10.59 -8.13
CA SER B 29 10.50 9.72 -8.40
C SER B 29 10.05 9.82 -9.84
N PHE B 30 9.23 8.85 -10.26
CA PHE B 30 8.61 8.93 -11.56
C PHE B 30 7.25 8.29 -11.52
N VAL B 31 6.45 8.59 -12.54
CA VAL B 31 5.06 8.19 -12.57
C VAL B 31 4.69 7.66 -13.93
N LEU B 32 3.92 6.59 -13.93
CA LEU B 32 3.19 6.14 -15.12
CA LEU B 32 3.21 6.15 -15.13
C LEU B 32 1.73 6.09 -14.74
N ASN B 33 0.91 6.86 -15.46
CA ASN B 33 -0.52 6.92 -15.25
C ASN B 33 -1.22 6.22 -16.39
N LEU B 34 -2.23 5.42 -16.06
CA LEU B 34 -2.99 4.67 -17.03
CA LEU B 34 -3.00 4.68 -17.05
C LEU B 34 -4.49 4.78 -16.70
N GLY B 35 -5.32 4.97 -17.70
CA GLY B 35 -6.76 5.00 -17.47
C GLY B 35 -7.57 5.42 -18.67
N LYS B 36 -8.71 6.05 -18.42
CA LYS B 36 -9.57 6.58 -19.45
C LYS B 36 -9.07 7.94 -19.91
N ASP B 37 -8.68 8.77 -18.96
CA ASP B 37 -8.15 10.10 -19.23
C ASP B 37 -7.43 10.60 -17.97
N SER B 38 -6.95 11.84 -17.97
CA SER B 38 -6.16 12.37 -16.85
C SER B 38 -6.91 12.41 -15.49
N ASN B 39 -8.24 12.43 -15.52
CA ASN B 39 -9.06 12.45 -14.30
C ASN B 39 -9.61 11.09 -13.83
N ASN B 40 -9.36 10.04 -14.62
CA ASN B 40 -9.92 8.72 -14.41
C ASN B 40 -8.81 7.70 -14.69
N LEU B 41 -8.04 7.46 -13.65
CA LEU B 41 -6.87 6.59 -13.71
C LEU B 41 -7.15 5.27 -13.00
N CYS B 42 -7.04 4.16 -13.72
CA CYS B 42 -7.03 2.85 -13.05
C CYS B 42 -5.70 2.53 -12.40
N LEU B 43 -4.62 3.14 -12.87
CA LEU B 43 -3.35 2.96 -12.20
C LEU B 43 -2.50 4.21 -12.29
N HIS B 44 -2.13 4.72 -11.13
CA HIS B 44 -1.07 5.72 -10.92
C HIS B 44 0.01 4.90 -10.28
N PHE B 45 1.07 4.64 -11.04
CA PHE B 45 2.18 3.82 -10.63
C PHE B 45 3.39 4.72 -10.36
N ASN B 46 3.80 4.82 -9.09
CA ASN B 46 4.71 5.90 -8.66
C ASN B 46 5.84 5.40 -7.76
N PRO B 47 6.92 4.90 -8.40
CA PRO B 47 8.12 4.55 -7.65
C PRO B 47 8.76 5.81 -7.10
N ARG B 48 8.90 5.86 -5.78
CA ARG B 48 9.51 6.98 -5.07
C ARG B 48 10.89 6.53 -4.57
N PHE B 49 11.94 7.08 -5.15
CA PHE B 49 13.30 6.83 -4.70
C PHE B 49 13.48 7.62 -3.41
N ASN B 50 13.20 8.91 -3.48
CA ASN B 50 13.22 9.77 -2.32
C ASN B 50 12.29 10.97 -2.57
N ALA B 51 11.03 10.84 -2.14
CA ALA B 51 10.01 11.87 -2.33
C ALA B 51 8.89 11.68 -1.32
N HIS B 52 8.31 12.79 -0.85
CA HIS B 52 7.15 12.81 0.06
C HIS B 52 7.35 11.98 1.34
N GLY B 53 8.59 11.91 1.80
CA GLY B 53 8.94 11.09 2.95
C GLY B 53 9.03 9.58 2.73
N ASP B 54 8.91 9.13 1.48
CA ASP B 54 9.09 7.72 1.14
C ASP B 54 10.44 7.52 0.47
N ALA B 55 11.18 6.51 0.94
CA ALA B 55 12.43 6.08 0.31
C ALA B 55 12.22 4.70 -0.29
N ASN B 56 12.68 4.54 -1.53
CA ASN B 56 12.60 3.29 -2.29
C ASN B 56 11.31 2.52 -2.03
N THR B 57 10.18 3.20 -2.26
CA THR B 57 8.85 2.63 -2.09
C THR B 57 8.02 2.88 -3.36
N ILE B 58 7.30 1.86 -3.83
CA ILE B 58 6.32 2.06 -4.91
C ILE B 58 4.98 2.40 -4.28
N VAL B 59 4.43 3.55 -4.66
CA VAL B 59 3.10 3.96 -4.28
C VAL B 59 2.20 3.80 -5.49
N CYS B 60 1.08 3.10 -5.30
CA CYS B 60 0.05 3.01 -6.34
C CYS B 60 -1.28 3.57 -5.86
N ASN B 61 -2.03 4.13 -6.80
CA ASN B 61 -3.35 4.65 -6.50
C ASN B 61 -4.23 4.66 -7.74
N SER B 62 -5.52 4.90 -7.53
CA SER B 62 -6.48 5.17 -8.58
C SER B 62 -6.91 6.62 -8.44
N LYS B 63 -7.56 7.11 -9.49
CA LYS B 63 -8.19 8.42 -9.50
C LYS B 63 -9.53 8.28 -10.24
N ASP B 64 -10.60 8.74 -9.61
CA ASP B 64 -11.96 8.51 -10.10
C ASP B 64 -12.66 9.87 -10.07
N GLY B 65 -13.01 10.39 -11.25
CA GLY B 65 -13.61 11.72 -11.36
C GLY B 65 -12.82 12.82 -10.68
N GLY B 66 -11.49 12.73 -10.81
CA GLY B 66 -10.56 13.68 -10.23
C GLY B 66 -10.16 13.45 -8.77
N ALA B 67 -10.77 12.48 -8.11
CA ALA B 67 -10.49 12.18 -6.69
C ALA B 67 -9.54 11.00 -6.56
N TRP B 68 -8.41 11.22 -5.89
CA TRP B 68 -7.47 10.14 -5.57
C TRP B 68 -8.14 9.13 -4.66
N GLY B 69 -7.86 7.85 -4.92
CA GLY B 69 -8.31 6.77 -4.08
C GLY B 69 -7.38 6.60 -2.89
N THR B 70 -7.43 5.42 -2.30
CA THR B 70 -6.57 5.07 -1.19
CA THR B 70 -6.55 5.07 -1.19
C THR B 70 -5.28 4.43 -1.73
N GLU B 71 -4.13 4.90 -1.25
CA GLU B 71 -2.84 4.40 -1.73
C GLU B 71 -2.53 2.99 -1.26
N GLN B 72 -1.96 2.20 -2.15
CA GLN B 72 -1.37 0.93 -1.80
C GLN B 72 0.13 1.08 -1.97
N ARG B 73 0.87 0.51 -1.02
CA ARG B 73 2.32 0.59 -1.00
C ARG B 73 2.95 -0.79 -0.94
N GLU B 74 4.17 -0.84 -1.45
CA GLU B 74 4.81 -2.10 -1.85
C GLU B 74 6.18 -2.21 -1.17
N ALA B 75 6.65 -3.43 -0.95
CA ALA B 75 7.93 -3.66 -0.27
C ALA B 75 9.11 -3.59 -1.26
N VAL B 76 9.05 -4.40 -2.32
CA VAL B 76 10.14 -4.47 -3.30
C VAL B 76 10.26 -3.22 -4.16
N PHE B 77 11.50 -2.84 -4.41
CA PHE B 77 11.81 -1.65 -5.19
C PHE B 77 12.92 -2.00 -6.18
N PRO B 78 12.55 -2.60 -7.33
CA PRO B 78 13.50 -3.03 -8.36
C PRO B 78 13.83 -1.97 -9.42
N PHE B 79 14.04 -0.73 -8.98
CA PHE B 79 14.41 0.36 -9.86
C PHE B 79 15.66 1.03 -9.35
N GLN B 80 16.46 1.55 -10.28
CA GLN B 80 17.67 2.31 -9.97
C GLN B 80 17.68 3.62 -10.75
N PRO B 81 18.09 4.73 -10.10
CA PRO B 81 18.37 5.94 -10.85
C PRO B 81 19.40 5.70 -11.96
N GLY B 82 19.25 6.43 -13.07
CA GLY B 82 20.20 6.40 -14.18
C GLY B 82 20.30 5.05 -14.87
N SER B 83 19.14 4.45 -15.14
CA SER B 83 19.07 3.13 -15.76
C SER B 83 17.85 3.06 -16.67
N VAL B 84 17.84 2.03 -17.48
CA VAL B 84 16.71 1.74 -18.35
C VAL B 84 15.77 0.83 -17.58
N ALA B 85 14.48 1.15 -17.58
CA ALA B 85 13.47 0.30 -16.96
C ALA B 85 12.46 -0.12 -18.01
N GLU B 86 12.08 -1.40 -17.96
CA GLU B 86 11.05 -1.97 -18.84
C GLU B 86 9.92 -2.45 -17.96
N VAL B 87 8.69 -2.09 -18.32
CA VAL B 87 7.49 -2.53 -17.62
CA VAL B 87 7.51 -2.62 -17.63
C VAL B 87 6.53 -3.16 -18.65
N CYS B 88 5.73 -4.12 -18.21
CA CYS B 88 4.70 -4.77 -19.03
C CYS B 88 3.41 -4.74 -18.21
N ILE B 89 2.36 -4.10 -18.74
CA ILE B 89 1.13 -3.86 -17.99
C ILE B 89 -0.04 -4.52 -18.70
N THR B 90 -0.85 -5.22 -17.93
CA THR B 90 -2.12 -5.76 -18.40
C THR B 90 -3.18 -5.54 -17.32
N PHE B 91 -4.44 -5.78 -17.66
CA PHE B 91 -5.51 -5.71 -16.69
C PHE B 91 -6.63 -6.70 -17.02
N ASP B 92 -7.37 -7.07 -15.99
CA ASP B 92 -8.59 -7.84 -16.16
C ASP B 92 -9.65 -7.29 -15.21
N GLN B 93 -10.75 -8.03 -15.05
CA GLN B 93 -11.79 -7.67 -14.11
C GLN B 93 -11.30 -7.35 -12.70
N ALA B 94 -10.35 -8.12 -12.19
CA ALA B 94 -9.94 -8.02 -10.79
C ALA B 94 -8.87 -6.98 -10.57
N ASN B 95 -7.84 -7.01 -11.41
CA ASN B 95 -6.57 -6.35 -11.11
C ASN B 95 -5.87 -5.76 -12.33
N LEU B 96 -5.05 -4.75 -12.06
CA LEU B 96 -3.98 -4.41 -12.99
C LEU B 96 -2.79 -5.18 -12.54
N THR B 97 -2.01 -5.68 -13.51
CA THR B 97 -0.75 -6.35 -13.23
C THR B 97 0.39 -5.63 -13.93
N VAL B 98 1.41 -5.26 -13.15
CA VAL B 98 2.59 -4.62 -13.65
C VAL B 98 3.74 -5.61 -13.46
N LYS B 99 4.34 -6.04 -14.56
CA LYS B 99 5.47 -6.99 -14.52
C LYS B 99 6.76 -6.33 -14.96
N LEU B 100 7.88 -6.75 -14.34
CA LEU B 100 9.22 -6.43 -14.81
C LEU B 100 9.88 -7.70 -15.36
N PRO B 101 10.87 -7.54 -16.27
CA PRO B 101 11.57 -8.70 -16.88
C PRO B 101 12.20 -9.64 -15.88
N ASP B 102 12.92 -9.07 -14.91
CA ASP B 102 13.59 -9.82 -13.83
C ASP B 102 12.66 -10.69 -12.97
N GLY B 103 11.35 -10.53 -13.13
CA GLY B 103 10.36 -11.44 -12.57
C GLY B 103 9.45 -10.84 -11.53
N TYR B 104 9.71 -9.59 -11.14
CA TYR B 104 8.84 -8.90 -10.17
C TYR B 104 7.51 -8.61 -10.81
N GLU B 105 6.45 -8.77 -10.01
CA GLU B 105 5.08 -8.59 -10.45
C GLU B 105 4.32 -7.87 -9.35
N PHE B 106 3.62 -6.80 -9.71
N PHE B 106 3.64 -6.78 -9.69
CA PHE B 106 2.81 -6.03 -8.77
CA PHE B 106 2.80 -6.06 -8.72
C PHE B 106 1.35 -6.13 -9.22
C PHE B 106 1.37 -6.08 -9.21
N LYS B 107 0.44 -6.23 -8.26
CA LYS B 107 -1.00 -6.22 -8.57
C LYS B 107 -1.67 -5.08 -7.84
N PHE B 108 -2.63 -4.45 -8.52
CA PHE B 108 -3.34 -3.35 -7.96
C PHE B 108 -4.80 -3.53 -8.35
N PRO B 109 -5.72 -3.43 -7.37
CA PRO B 109 -7.12 -3.74 -7.72
C PRO B 109 -7.71 -2.81 -8.78
N ASN B 110 -8.45 -3.38 -9.72
CA ASN B 110 -9.12 -2.59 -10.76
C ASN B 110 -10.36 -1.97 -10.14
N ARG B 111 -10.21 -0.74 -9.66
CA ARG B 111 -11.29 -0.07 -8.93
C ARG B 111 -12.32 0.61 -9.83
N LEU B 112 -11.93 0.93 -11.06
CA LEU B 112 -12.76 1.69 -12.00
C LEU B 112 -13.57 0.80 -12.93
N ASN B 113 -13.16 -0.44 -13.10
CA ASN B 113 -13.82 -1.38 -14.00
C ASN B 113 -14.13 -0.85 -15.40
N LEU B 114 -13.14 -0.21 -16.03
CA LEU B 114 -13.32 0.31 -17.40
C LEU B 114 -13.12 -0.77 -18.46
N GLU B 115 -13.66 -0.55 -19.65
CA GLU B 115 -13.59 -1.58 -20.69
C GLU B 115 -12.25 -1.57 -21.43
N ALA B 116 -11.49 -0.49 -21.28
CA ALA B 116 -10.21 -0.32 -21.94
C ALA B 116 -9.34 0.69 -21.20
N ILE B 117 -8.05 0.63 -21.45
CA ILE B 117 -7.12 1.70 -21.06
C ILE B 117 -6.95 2.52 -22.31
N ASN B 118 -7.31 3.79 -22.28
CA ASN B 118 -7.17 4.65 -23.44
C ASN B 118 -6.16 5.76 -23.29
N TYR B 119 -5.61 5.91 -22.09
CA TYR B 119 -4.76 7.04 -21.74
C TYR B 119 -3.54 6.52 -20.99
N MET B 120 -2.36 7.01 -21.37
CA MET B 120 -1.15 6.78 -20.62
C MET B 120 -0.35 8.06 -20.56
N ALA B 121 0.24 8.34 -19.40
CA ALA B 121 1.08 9.54 -19.24
C ALA B 121 2.26 9.23 -18.37
N ALA B 122 3.43 9.73 -18.76
CA ALA B 122 4.62 9.68 -17.92
C ALA B 122 4.83 11.02 -17.25
N ASP B 123 5.39 10.99 -16.05
CA ASP B 123 5.74 12.22 -15.35
C ASP B 123 6.96 11.96 -14.51
N GLY B 124 7.70 13.02 -14.24
CA GLY B 124 8.83 12.93 -13.33
C GLY B 124 10.02 12.34 -14.04
N ASP B 125 10.80 11.57 -13.30
CA ASP B 125 12.15 11.21 -13.76
C ASP B 125 12.20 9.94 -14.63
N PHE B 126 11.35 9.88 -15.65
CA PHE B 126 11.25 8.70 -16.53
C PHE B 126 10.86 9.16 -17.93
N LYS B 127 11.79 8.98 -18.86
CA LYS B 127 11.63 9.36 -20.24
C LYS B 127 11.29 8.12 -21.07
N ILE B 128 10.07 8.09 -21.59
CA ILE B 128 9.64 6.94 -22.40
C ILE B 128 10.41 6.94 -23.72
N LYS B 129 11.01 5.78 -24.02
CA LYS B 129 11.74 5.52 -25.27
C LYS B 129 11.02 4.60 -26.23
N CYS B 130 10.14 3.73 -25.72
CA CYS B 130 9.48 2.78 -26.60
C CYS B 130 8.16 2.36 -25.97
N VAL B 131 7.09 2.31 -26.78
CA VAL B 131 5.79 1.77 -26.36
CA VAL B 131 5.81 1.76 -26.35
C VAL B 131 5.32 0.77 -27.39
N ALA B 132 4.85 -0.39 -26.93
CA ALA B 132 4.33 -1.45 -27.81
C ALA B 132 3.00 -1.99 -27.29
N PHE B 133 2.15 -2.37 -28.23
CA PHE B 133 0.79 -2.89 -27.99
C PHE B 133 0.68 -4.26 -28.63
N ASP B 134 0.42 -5.29 -27.83
CA ASP B 134 0.16 -6.62 -28.40
C ASP B 134 -0.91 -7.35 -27.58
#